data_4OAD
#
_entry.id   4OAD
#
_cell.length_a   57.754
_cell.length_b   76.072
_cell.length_c   39.483
_cell.angle_alpha   90.00
_cell.angle_beta   90.00
_cell.angle_gamma   90.00
#
_symmetry.space_group_name_H-M   'P 21 21 2'
#
loop_
_entity.id
_entity.type
_entity.pdbx_description
1 polymer 'GNAT superfamily acetyltransferase PA4794'
2 non-polymer 'SULFATE ION'
3 non-polymer CHLORAMPHENICOL
4 non-polymer 1,2-ETHANEDIOL
5 water water
#
_entity_poly.entity_id   1
_entity_poly.type   'polypeptide(L)'
_entity_poly.pdbx_seq_one_letter_code
;GHMQLSHRPAETGDLETVAGFPQDRDELFYCYPKAIWPFSVAQLAAAIAERRGSTVAVHDGQVLGFANFYQWQHGDFCAL
GNMMVAPAARGLGVARYLIGVMENLAREQYKARLMKISCFNANAAGLLLYTQLGYQPRAIAERHDPDGRRVALIQMDKPL
EP
;
_entity_poly.pdbx_strand_id   A
#
loop_
_chem_comp.id
_chem_comp.type
_chem_comp.name
_chem_comp.formula
CLM non-polymer CHLORAMPHENICOL 'C11 H12 Cl2 N2 O5'
EDO non-polymer 1,2-ETHANEDIOL 'C2 H6 O2'
SO4 non-polymer 'SULFATE ION' 'O4 S -2'
#
# COMPACT_ATOMS: atom_id res chain seq x y z
N HIS A 2 23.45 -2.71 1.58
CA HIS A 2 22.78 -3.26 2.79
C HIS A 2 21.42 -3.87 2.39
N MET A 3 20.44 -3.01 2.13
CA MET A 3 19.12 -3.46 1.68
C MET A 3 19.20 -3.97 0.24
N GLN A 4 19.04 -5.26 0.09
CA GLN A 4 18.97 -5.91 -1.21
C GLN A 4 17.56 -6.43 -1.44
N LEU A 5 16.67 -5.56 -1.91
CA LEU A 5 15.27 -5.93 -2.04
C LEU A 5 14.92 -6.62 -3.37
N SER A 6 14.05 -7.60 -3.29
CA SER A 6 13.49 -8.27 -4.44
C SER A 6 11.98 -8.28 -4.26
N HIS A 7 11.26 -8.69 -5.30
CA HIS A 7 9.82 -8.80 -5.18
C HIS A 7 9.25 -9.99 -5.93
N ARG A 8 8.09 -10.42 -5.53
CA ARG A 8 7.36 -11.46 -6.20
C ARG A 8 5.89 -11.38 -5.80
N PRO A 9 5.01 -12.04 -6.53
CA PRO A 9 3.61 -12.12 -6.10
C PRO A 9 3.48 -12.72 -4.72
N ALA A 10 2.55 -12.19 -3.95
CA ALA A 10 2.22 -12.72 -2.62
C ALA A 10 1.69 -14.14 -2.80
N GLU A 11 1.99 -14.96 -1.81
CA GLU A 11 1.65 -16.39 -1.74
C GLU A 11 0.93 -16.65 -0.46
N THR A 12 0.16 -17.75 -0.41
CA THR A 12 -0.54 -18.15 0.83
CA THR A 12 -0.58 -18.01 0.84
C THR A 12 0.38 -18.20 2.01
N GLY A 13 1.59 -18.73 1.78
CA GLY A 13 2.55 -18.86 2.85
C GLY A 13 3.06 -17.55 3.45
N ASP A 14 2.86 -16.46 2.77
CA ASP A 14 3.22 -15.12 3.26
C ASP A 14 2.15 -14.49 4.16
N LEU A 15 0.94 -15.02 4.16
CA LEU A 15 -0.25 -14.29 4.82
C LEU A 15 -0.01 -14.07 6.25
N GLU A 16 0.42 -15.10 6.98
CA GLU A 16 0.54 -14.88 8.44
CA GLU A 16 0.56 -14.88 8.44
C GLU A 16 1.59 -13.80 8.74
N THR A 17 2.70 -13.80 8.00
CA THR A 17 3.72 -12.79 8.15
C THR A 17 3.16 -11.40 7.91
N VAL A 18 2.52 -11.22 6.77
CA VAL A 18 2.01 -9.91 6.44
C VAL A 18 0.92 -9.43 7.38
N ALA A 19 0.11 -10.35 7.87
CA ALA A 19 -0.96 -9.99 8.83
C ALA A 19 -0.40 -9.60 10.18
N GLY A 20 0.86 -9.95 10.39
CA GLY A 20 1.61 -9.49 11.55
C GLY A 20 2.09 -8.08 11.49
N PHE A 21 2.04 -7.41 10.35
CA PHE A 21 2.68 -6.11 10.18
C PHE A 21 2.01 -4.98 10.96
N PRO A 22 0.70 -4.80 10.86
CA PRO A 22 0.10 -3.67 11.59
C PRO A 22 0.26 -3.87 13.09
N GLN A 23 0.76 -2.83 13.74
CA GLN A 23 1.10 -2.89 15.16
C GLN A 23 0.06 -2.30 16.03
N ASP A 24 -0.87 -1.53 15.53
CA ASP A 24 -1.94 -0.98 16.32
C ASP A 24 -3.13 -0.62 15.46
N ARG A 25 -4.24 -0.19 16.06
CA ARG A 25 -5.46 0.12 15.28
C ARG A 25 -5.21 1.24 14.30
N ASP A 26 -4.38 2.21 14.63
CA ASP A 26 -4.09 3.32 13.73
C ASP A 26 -3.40 2.80 12.50
N GLU A 27 -2.37 1.97 12.65
CA GLU A 27 -1.65 1.45 11.50
C GLU A 27 -2.57 0.62 10.66
N LEU A 28 -3.43 -0.21 11.24
CA LEU A 28 -4.33 -1.01 10.44
C LEU A 28 -5.27 -0.11 9.66
N PHE A 29 -5.79 0.93 10.30
CA PHE A 29 -6.69 1.87 9.61
C PHE A 29 -6.04 2.55 8.46
N TYR A 30 -4.80 2.95 8.59
CA TYR A 30 -4.11 3.62 7.48
C TYR A 30 -4.01 2.78 6.26
N CYS A 31 -3.76 1.47 6.44
CA CYS A 31 -3.44 0.60 5.30
C CYS A 31 -4.60 -0.22 4.84
N TYR A 32 -5.66 -0.32 5.63
CA TYR A 32 -6.83 -1.16 5.38
C TYR A 32 -8.00 -0.66 6.21
N PRO A 33 -8.60 0.47 5.84
CA PRO A 33 -9.56 1.12 6.70
C PRO A 33 -10.85 0.35 6.92
N LYS A 34 -11.17 -0.60 6.03
CA LYS A 34 -12.34 -1.45 6.23
C LYS A 34 -12.10 -2.63 7.12
N ALA A 35 -10.84 -2.89 7.48
CA ALA A 35 -10.51 -3.98 8.43
C ALA A 35 -10.89 -3.63 9.85
N ILE A 36 -11.01 -4.69 10.65
CA ILE A 36 -11.41 -4.59 12.03
C ILE A 36 -10.26 -5.15 12.84
N TRP A 37 -9.84 -4.44 13.86
CA TRP A 37 -8.79 -4.93 14.75
C TRP A 37 -9.35 -5.97 15.70
N PRO A 38 -8.62 -7.07 15.96
CA PRO A 38 -7.27 -7.41 15.41
C PRO A 38 -7.30 -7.95 14.01
N PHE A 39 -6.24 -7.62 13.31
CA PHE A 39 -6.13 -8.09 11.95
C PHE A 39 -5.94 -9.62 11.96
N SER A 40 -6.16 -10.23 10.83
CA SER A 40 -6.12 -11.70 10.70
C SER A 40 -5.82 -12.06 9.29
N VAL A 41 -5.40 -13.27 9.09
CA VAL A 41 -5.17 -13.81 7.79
C VAL A 41 -6.46 -13.80 6.99
N ALA A 42 -7.59 -14.15 7.61
CA ALA A 42 -8.85 -14.14 6.86
C ALA A 42 -9.13 -12.76 6.27
N GLN A 43 -8.93 -11.71 7.05
CA GLN A 43 -9.19 -10.33 6.54
C GLN A 43 -8.24 -9.99 5.45
N LEU A 44 -6.99 -10.43 5.55
CA LEU A 44 -6.02 -10.16 4.51
C LEU A 44 -6.37 -10.88 3.23
N ALA A 45 -6.70 -12.15 3.36
CA ALA A 45 -7.10 -12.95 2.19
C ALA A 45 -8.35 -12.40 1.51
N ALA A 46 -9.29 -11.86 2.27
CA ALA A 46 -10.46 -11.22 1.71
C ALA A 46 -10.05 -10.06 0.83
N ALA A 47 -9.15 -9.22 1.32
CA ALA A 47 -8.65 -8.12 0.48
C ALA A 47 -7.99 -8.55 -0.78
N ILE A 48 -7.11 -9.51 -0.67
CA ILE A 48 -6.38 -10.01 -1.79
C ILE A 48 -7.36 -10.47 -2.84
N ALA A 49 -8.42 -11.14 -2.43
CA ALA A 49 -9.40 -11.64 -3.40
C ALA A 49 -10.13 -10.56 -4.13
N GLU A 50 -10.34 -9.42 -3.53
CA GLU A 50 -11.10 -8.38 -4.11
C GLU A 50 -10.20 -7.49 -4.92
N ARG A 51 -8.88 -7.68 -4.83
CA ARG A 51 -7.93 -6.73 -5.38
C ARG A 51 -7.05 -7.40 -6.40
N ARG A 52 -6.14 -6.65 -6.95
CA ARG A 52 -5.17 -7.16 -7.94
CA ARG A 52 -5.18 -7.18 -7.94
C ARG A 52 -3.71 -6.85 -7.60
N GLY A 53 -2.78 -7.63 -8.10
CA GLY A 53 -1.41 -7.21 -8.02
C GLY A 53 -0.77 -7.36 -6.64
N SER A 54 -1.26 -8.26 -5.82
CA SER A 54 -0.68 -8.36 -4.45
C SER A 54 0.75 -8.89 -4.58
N THR A 55 1.67 -8.13 -4.00
CA THR A 55 3.11 -8.23 -4.21
C THR A 55 3.81 -8.10 -2.84
N VAL A 56 4.82 -8.93 -2.62
CA VAL A 56 5.67 -8.78 -1.47
C VAL A 56 7.07 -8.31 -1.86
N ALA A 57 7.70 -7.59 -0.95
CA ALA A 57 9.11 -7.26 -1.01
C ALA A 57 9.87 -8.09 -0.03
N VAL A 58 11.01 -8.59 -0.48
CA VAL A 58 11.81 -9.55 0.31
C VAL A 58 13.22 -9.03 0.44
N HIS A 59 13.79 -9.19 1.61
CA HIS A 59 15.20 -8.88 1.87
C HIS A 59 15.74 -9.90 2.85
N ASP A 60 16.90 -10.46 2.53
CA ASP A 60 17.55 -11.43 3.43
C ASP A 60 16.63 -12.56 3.83
N GLY A 61 15.84 -13.03 2.85
CA GLY A 61 14.90 -14.10 3.14
C GLY A 61 13.69 -13.75 3.96
N GLN A 62 13.44 -12.45 4.19
N GLN A 62 13.42 -12.46 4.19
CA GLN A 62 12.32 -12.00 5.01
CA GLN A 62 12.26 -12.10 4.95
C GLN A 62 11.33 -11.24 4.13
C GLN A 62 11.33 -11.26 4.13
N VAL A 63 10.05 -11.56 4.21
CA VAL A 63 9.00 -10.71 3.64
C VAL A 63 8.86 -9.47 4.52
N LEU A 64 9.19 -8.30 3.92
CA LEU A 64 9.19 -7.05 4.68
C LEU A 64 8.16 -6.07 4.23
N GLY A 65 7.52 -6.32 3.08
CA GLY A 65 6.53 -5.39 2.58
C GLY A 65 5.48 -6.08 1.75
N PHE A 66 4.33 -5.43 1.65
CA PHE A 66 3.19 -5.91 0.92
C PHE A 66 2.44 -4.73 0.35
N ALA A 67 1.93 -4.93 -0.88
CA ALA A 67 1.08 -3.92 -1.51
C ALA A 67 0.17 -4.57 -2.56
N ASN A 68 -0.91 -3.84 -2.92
CA ASN A 68 -1.75 -4.30 -4.03
C ASN A 68 -2.45 -3.08 -4.65
N PHE A 69 -3.27 -3.36 -5.68
CA PHE A 69 -4.11 -2.34 -6.24
C PHE A 69 -5.53 -2.53 -5.75
N TYR A 70 -6.16 -1.46 -5.29
CA TYR A 70 -7.62 -1.64 -5.05
C TYR A 70 -8.53 -1.10 -6.08
N GLN A 71 -7.94 -0.33 -7.03
CA GLN A 71 -8.63 0.01 -8.28
C GLN A 71 -7.64 -0.15 -9.39
N TRP A 72 -8.19 -0.51 -10.55
CA TRP A 72 -7.38 -0.77 -11.77
C TRP A 72 -8.30 -0.52 -12.96
N GLN A 73 -7.83 0.29 -13.89
CA GLN A 73 -8.61 0.71 -15.03
C GLN A 73 -7.64 0.73 -16.18
N HIS A 74 -7.76 -0.30 -17.02
CA HIS A 74 -6.85 -0.46 -18.11
C HIS A 74 -6.75 0.78 -19.00
N GLY A 75 -5.51 1.18 -19.30
CA GLY A 75 -5.26 2.35 -20.10
C GLY A 75 -5.47 3.69 -19.42
N ASP A 76 -5.67 3.68 -18.10
CA ASP A 76 -6.14 4.82 -17.34
C ASP A 76 -5.29 4.99 -16.09
N PHE A 77 -5.62 4.25 -15.04
CA PHE A 77 -4.93 4.39 -13.74
C PHE A 77 -5.07 3.14 -12.97
N CYS A 78 -4.22 3.07 -11.94
CA CYS A 78 -4.39 2.15 -10.84
C CYS A 78 -4.37 2.94 -9.55
N ALA A 79 -4.96 2.37 -8.50
CA ALA A 79 -4.90 2.98 -7.15
C ALA A 79 -4.27 1.98 -6.19
N LEU A 80 -3.25 2.44 -5.51
N LEU A 80 -3.26 2.45 -5.51
CA LEU A 80 -2.44 1.58 -4.63
CA LEU A 80 -2.44 1.58 -4.64
C LEU A 80 -3.05 1.48 -3.28
C LEU A 80 -3.05 1.48 -3.28
N GLY A 81 -3.13 0.27 -2.71
CA GLY A 81 -3.53 0.15 -1.28
C GLY A 81 -2.89 -0.97 -0.56
N ASN A 82 -3.29 -1.13 0.70
CA ASN A 82 -2.75 -2.17 1.53
C ASN A 82 -1.24 -2.12 1.66
N MET A 83 -0.64 -0.93 1.64
CA MET A 83 0.83 -0.85 1.72
C MET A 83 1.22 -1.02 3.19
N MET A 84 1.89 -2.13 3.46
CA MET A 84 2.24 -2.56 4.81
C MET A 84 3.75 -2.91 4.82
N VAL A 85 4.37 -2.68 5.97
CA VAL A 85 5.84 -2.85 6.10
C VAL A 85 6.07 -3.49 7.45
N ALA A 86 6.96 -4.46 7.51
CA ALA A 86 7.29 -5.13 8.74
C ALA A 86 7.81 -4.14 9.80
N PRO A 87 7.39 -4.32 11.05
CA PRO A 87 7.80 -3.36 12.06
C PRO A 87 9.27 -3.31 12.31
N ALA A 88 9.99 -4.38 12.01
CA ALA A 88 11.46 -4.30 12.15
C ALA A 88 12.17 -3.72 10.96
N ALA A 89 11.42 -3.26 9.96
CA ALA A 89 12.02 -2.74 8.73
C ALA A 89 11.46 -1.39 8.29
N ARG A 90 10.98 -0.57 9.23
CA ARG A 90 10.39 0.70 8.93
C ARG A 90 11.54 1.69 8.65
N GLY A 91 11.29 2.57 7.69
CA GLY A 91 12.25 3.62 7.38
C GLY A 91 13.49 3.19 6.66
N LEU A 92 13.52 1.97 6.12
CA LEU A 92 14.66 1.42 5.40
C LEU A 92 14.51 1.38 3.91
N GLY A 93 13.48 2.02 3.37
CA GLY A 93 13.29 1.99 1.92
C GLY A 93 12.33 0.98 1.36
N VAL A 94 11.71 0.18 2.21
CA VAL A 94 10.85 -0.88 1.70
C VAL A 94 9.61 -0.34 1.00
N ALA A 95 8.93 0.63 1.60
CA ALA A 95 7.73 1.20 0.96
C ALA A 95 8.11 1.87 -0.33
N ARG A 96 9.18 2.64 -0.31
CA ARG A 96 9.52 3.29 -1.59
CA ARG A 96 9.61 3.33 -1.58
C ARG A 96 9.91 2.32 -2.77
N TYR A 97 10.60 1.28 -2.37
CA TYR A 97 10.89 0.20 -3.29
C TYR A 97 9.62 -0.40 -3.82
N LEU A 98 8.71 -0.81 -2.96
N LEU A 98 8.70 -0.80 -2.96
CA LEU A 98 7.52 -1.48 -3.43
CA LEU A 98 7.45 -1.41 -3.40
C LEU A 98 6.60 -0.53 -4.23
C LEU A 98 6.60 -0.50 -4.25
N ILE A 99 6.51 0.76 -3.88
CA ILE A 99 5.76 1.71 -4.70
C ILE A 99 6.35 1.75 -6.09
N GLY A 100 7.68 1.80 -6.24
CA GLY A 100 8.27 1.76 -7.60
C GLY A 100 7.93 0.51 -8.34
N VAL A 101 7.96 -0.64 -7.67
CA VAL A 101 7.55 -1.86 -8.32
C VAL A 101 6.10 -1.80 -8.79
N MET A 102 5.23 -1.26 -7.98
CA MET A 102 3.83 -1.16 -8.33
C MET A 102 3.55 -0.17 -9.46
N GLU A 103 4.31 0.90 -9.46
CA GLU A 103 4.26 1.84 -10.59
C GLU A 103 4.61 1.15 -11.88
N ASN A 104 5.66 0.36 -11.85
CA ASN A 104 6.04 -0.38 -13.07
C ASN A 104 4.93 -1.36 -13.46
N LEU A 105 4.36 -2.07 -12.48
CA LEU A 105 3.37 -3.05 -12.84
C LEU A 105 2.11 -2.33 -13.43
N ALA A 106 1.73 -1.19 -12.87
CA ALA A 106 0.59 -0.46 -13.35
C ALA A 106 0.80 -0.03 -14.83
N ARG A 107 1.99 0.47 -15.08
CA ARG A 107 2.38 0.88 -16.47
CA ARG A 107 2.32 0.94 -16.46
C ARG A 107 2.35 -0.28 -17.39
N GLU A 108 2.98 -1.37 -16.97
CA GLU A 108 3.26 -2.49 -17.88
C GLU A 108 2.07 -3.34 -18.09
N GLN A 109 1.38 -3.72 -17.04
CA GLN A 109 0.25 -4.59 -17.13
C GLN A 109 -1.08 -3.91 -17.41
N TYR A 110 -1.30 -2.73 -16.86
CA TYR A 110 -2.61 -2.07 -17.00
C TYR A 110 -2.53 -0.88 -17.95
N LYS A 111 -1.37 -0.62 -18.49
CA LYS A 111 -1.16 0.53 -19.37
C LYS A 111 -1.64 1.79 -18.72
N ALA A 112 -1.43 1.89 -17.39
CA ALA A 112 -1.87 3.07 -16.67
C ALA A 112 -1.03 4.28 -17.01
N ARG A 113 -1.66 5.44 -17.10
CA ARG A 113 -0.97 6.71 -17.21
C ARG A 113 -0.80 7.41 -15.88
N LEU A 114 -1.49 6.94 -14.85
CA LEU A 114 -1.57 7.64 -13.55
C LEU A 114 -1.61 6.57 -12.48
N MET A 115 -0.93 6.87 -11.37
CA MET A 115 -1.17 6.13 -10.12
C MET A 115 -1.84 7.05 -9.10
N LYS A 116 -2.89 6.53 -8.48
CA LYS A 116 -3.58 7.19 -7.37
C LYS A 116 -3.15 6.53 -6.07
N ILE A 117 -2.85 7.37 -5.04
N ILE A 117 -2.96 7.36 -5.03
CA ILE A 117 -2.63 6.93 -3.66
CA ILE A 117 -2.72 6.86 -3.69
C ILE A 117 -3.54 7.81 -2.82
C ILE A 117 -3.40 7.79 -2.72
N SER A 118 -4.24 7.21 -1.85
CA SER A 118 -5.01 7.99 -0.90
C SER A 118 -4.44 7.73 0.48
N CYS A 119 -4.21 8.76 1.24
CA CYS A 119 -3.52 8.63 2.51
C CYS A 119 -4.35 9.37 3.60
N PHE A 120 -4.53 8.73 4.74
CA PHE A 120 -5.27 9.36 5.85
C PHE A 120 -4.45 10.44 6.46
N ASN A 121 -5.11 11.49 6.91
CA ASN A 121 -4.40 12.66 7.38
C ASN A 121 -3.42 12.44 8.51
N ALA A 122 -3.70 11.51 9.39
CA ALA A 122 -2.82 11.31 10.55
C ALA A 122 -1.51 10.66 10.16
N ASN A 123 -1.47 10.04 8.98
CA ASN A 123 -0.31 9.30 8.52
C ASN A 123 0.73 10.24 7.86
N ALA A 124 1.35 11.09 8.68
CA ALA A 124 2.32 12.03 8.17
C ALA A 124 3.42 11.39 7.39
N ALA A 125 3.94 10.26 7.89
CA ALA A 125 5.01 9.54 7.22
C ALA A 125 4.65 9.23 5.81
N GLY A 126 3.43 8.75 5.59
CA GLY A 126 3.01 8.45 4.27
C GLY A 126 2.87 9.66 3.38
N LEU A 127 2.27 10.71 3.95
CA LEU A 127 2.08 11.92 3.14
C LEU A 127 3.42 12.44 2.69
N LEU A 128 4.43 12.41 3.53
CA LEU A 128 5.73 12.94 3.17
C LEU A 128 6.46 12.04 2.19
N LEU A 129 6.32 10.73 2.38
CA LEU A 129 6.90 9.82 1.45
C LEU A 129 6.32 9.93 0.06
N TYR A 130 5.01 9.98 -0.05
CA TYR A 130 4.43 10.02 -1.37
C TYR A 130 4.80 11.33 -2.01
N THR A 131 4.89 12.42 -1.25
CA THR A 131 5.34 13.71 -1.78
C THR A 131 6.74 13.60 -2.33
N GLN A 132 7.61 12.95 -1.60
CA GLN A 132 8.99 12.76 -2.05
CA GLN A 132 8.98 12.75 -2.07
C GLN A 132 9.07 11.95 -3.37
N LEU A 133 8.13 11.05 -3.59
CA LEU A 133 8.05 10.19 -4.75
C LEU A 133 7.32 10.83 -5.89
N GLY A 134 6.89 12.08 -5.70
CA GLY A 134 6.35 12.84 -6.88
C GLY A 134 4.84 12.88 -6.93
N TYR A 135 4.14 12.33 -5.93
CA TYR A 135 2.69 12.43 -5.84
C TYR A 135 2.28 13.78 -5.41
N GLN A 136 1.21 14.27 -6.01
CA GLN A 136 0.60 15.59 -5.71
CA GLN A 136 0.64 15.55 -5.60
C GLN A 136 -0.81 15.41 -5.12
N PRO A 137 -1.17 16.25 -4.14
CA PRO A 137 -2.52 16.18 -3.61
C PRO A 137 -3.52 16.77 -4.56
N ARG A 138 -4.62 16.09 -4.71
CA ARG A 138 -5.66 16.52 -5.64
C ARG A 138 -6.97 16.86 -4.94
N ALA A 139 -7.35 16.08 -3.90
CA ALA A 139 -8.60 16.33 -3.23
C ALA A 139 -8.49 15.77 -1.84
N ILE A 140 -9.45 16.19 -1.04
CA ILE A 140 -9.60 15.73 0.34
C ILE A 140 -11.04 15.29 0.53
N ALA A 141 -11.19 14.04 0.98
CA ALA A 141 -12.48 13.45 1.24
C ALA A 141 -12.69 13.18 2.69
N GLU A 142 -13.94 13.23 3.13
CA GLU A 142 -14.24 12.95 4.53
C GLU A 142 -14.43 11.42 4.68
N ARG A 143 -13.87 10.85 5.74
CA ARG A 143 -14.11 9.46 6.10
C ARG A 143 -14.30 9.45 7.63
N HIS A 144 -14.64 8.28 8.17
CA HIS A 144 -14.78 8.13 9.57
C HIS A 144 -13.94 6.97 10.06
N ASP A 145 -13.35 7.17 11.20
CA ASP A 145 -12.54 6.13 11.83
C ASP A 145 -13.40 5.22 12.69
N PRO A 146 -12.84 4.14 13.25
CA PRO A 146 -13.67 3.16 13.94
C PRO A 146 -14.40 3.67 15.18
N ASP A 147 -13.95 4.81 15.73
CA ASP A 147 -14.64 5.43 16.85
C ASP A 147 -15.68 6.46 16.40
N GLY A 148 -15.90 6.51 15.09
CA GLY A 148 -16.91 7.42 14.53
C GLY A 148 -16.43 8.86 14.39
N ARG A 149 -15.13 9.10 14.50
CA ARG A 149 -14.56 10.42 14.39
C ARG A 149 -14.22 10.71 12.94
N ARG A 150 -14.40 11.98 12.58
CA ARG A 150 -14.15 12.39 11.20
C ARG A 150 -12.67 12.55 10.95
N VAL A 151 -12.21 11.94 9.87
CA VAL A 151 -10.81 12.03 9.42
C VAL A 151 -10.84 12.49 7.95
N ALA A 152 -9.68 12.90 7.46
CA ALA A 152 -9.55 13.44 6.10
C ALA A 152 -8.68 12.49 5.30
N LEU A 153 -9.20 12.06 4.16
CA LEU A 153 -8.47 11.20 3.25
C LEU A 153 -7.90 12.07 2.14
N ILE A 154 -6.58 12.16 2.09
N ILE A 154 -6.59 12.14 2.08
CA ILE A 154 -5.88 13.01 1.12
CA ILE A 154 -5.90 13.00 1.11
C ILE A 154 -5.64 12.19 -0.14
C ILE A 154 -5.61 12.19 -0.15
N GLN A 155 -6.26 12.56 -1.26
CA GLN A 155 -6.25 11.80 -2.49
C GLN A 155 -5.17 12.40 -3.34
N MET A 156 -4.14 11.64 -3.64
CA MET A 156 -2.98 12.09 -4.39
C MET A 156 -2.85 11.28 -5.70
N ASP A 157 -2.04 11.83 -6.61
CA ASP A 157 -1.76 11.07 -7.84
C ASP A 157 -0.43 11.49 -8.42
N LYS A 158 0.00 10.69 -9.41
CA LYS A 158 1.31 10.89 -10.04
C LYS A 158 1.23 10.34 -11.48
N PRO A 159 1.69 11.10 -12.48
CA PRO A 159 1.74 10.52 -13.85
C PRO A 159 2.84 9.46 -13.92
N LEU A 160 2.60 8.40 -14.70
CA LEU A 160 3.56 7.31 -14.80
C LEU A 160 4.40 7.48 -16.03
N GLU A 161 5.72 7.44 -15.90
CA GLU A 161 6.53 7.96 -17.06
C GLU A 161 6.97 6.81 -17.90
S SO4 B . 10.20 3.56 3.50
O1 SO4 B . 11.48 3.78 4.24
O2 SO4 B . 9.56 2.24 3.92
O3 SO4 B . 9.31 4.65 3.81
O4 SO4 B . 10.46 3.53 2.02
S SO4 C . -16.97 6.60 6.00
O1 SO4 C . -15.57 6.31 6.27
O2 SO4 C . -17.88 5.96 7.02
O3 SO4 C . -17.32 8.03 6.10
O4 SO4 C . -17.29 6.23 4.60
S SO4 D . -3.44 -10.45 -10.36
O1 SO4 D . -2.20 -9.65 -10.40
O2 SO4 D . -4.18 -10.34 -9.08
O3 SO4 D . -4.28 -10.08 -11.54
O4 SO4 D . -3.02 -11.89 -10.48
S SO4 E . -10.09 -7.36 -14.44
O1 SO4 E . -9.71 -8.41 -13.46
O2 SO4 E . -10.81 -7.96 -15.59
O3 SO4 E . -10.97 -6.39 -13.74
O4 SO4 E . -8.88 -6.71 -15.00
C1 CLM F . 3.10 5.33 9.82
CL1 CLM F . 2.17 4.14 10.73
CL2 CLM F . 4.30 6.08 10.85
C2 CLM F . 3.78 4.65 8.64
O2 CLM F . 4.80 3.99 8.79
N2 CLM F . 3.17 4.83 7.40
C3 CLM F . 3.64 4.20 6.17
C4 CLM F . 4.16 5.26 5.22
O4 CLM F . 4.50 4.71 3.96
C5 CLM F . 2.53 3.35 5.55
O5 CLM F . 1.37 4.15 5.44
C6 CLM F . 2.25 2.11 6.38
C7 CLM F . 0.99 1.89 6.91
C8 CLM F . 0.73 0.76 7.67
C9 CLM F . 1.75 -0.15 7.88
N9 CLM F . 1.47 -1.34 8.68
O9A CLM F . 2.29 -2.24 8.66
O9B CLM F . 0.44 -1.39 9.33
C10 CLM F . 3.01 0.04 7.37
C11 CLM F . 3.25 1.17 6.61
C1 CLM G . -12.56 -19.56 0.83
CL1 CLM G . -12.99 -19.32 2.52
CL2 CLM G . -13.57 -20.82 0.13
C2 CLM G . -12.78 -18.26 0.06
O2 CLM G . -13.74 -17.52 0.30
N2 CLM G . -11.83 -17.97 -0.91
C3 CLM G . -11.74 -16.68 -1.60
C4 CLM G . -11.40 -16.92 -3.06
O4 CLM G . -12.28 -17.86 -3.65
C5 CLM G . -10.74 -15.77 -0.90
O5 CLM G . -9.48 -16.44 -0.85
C6 CLM G . -11.20 -15.39 0.49
C7 CLM G . -10.63 -15.98 1.61
C8 CLM G . -11.05 -15.64 2.88
C9 CLM G . -12.04 -14.69 3.02
N9 CLM G . -12.49 -14.34 4.37
O9A CLM G . -12.93 -13.21 4.55
O9B CLM G . -12.39 -15.17 5.25
C10 CLM G . -12.62 -14.09 1.94
C11 CLM G . -12.19 -14.44 0.68
C1 EDO H . -15.08 9.93 -2.67
O1 EDO H . -13.67 9.88 -2.58
C2 EDO H . -15.48 11.26 -2.11
O2 EDO H . -16.08 11.08 -0.82
C1 EDO I . 7.32 4.30 6.44
O1 EDO I . 6.99 4.29 5.02
C2 EDO I . 7.48 2.86 6.94
O2 EDO I . 8.66 2.21 6.48
C1 EDO J . -8.16 4.99 13.62
O1 EDO J . -7.37 4.15 14.44
C2 EDO J . -7.45 6.30 13.29
O2 EDO J . -8.23 7.49 13.57
C1 EDO K . -3.22 -16.18 -2.73
O1 EDO K . -3.07 -16.82 -4.00
C2 EDO K . -2.16 -15.10 -2.67
O2 EDO K . -1.91 -14.87 -1.30
C1 EDO L . 0.89 -20.81 -2.63
O1 EDO L . 2.29 -20.99 -2.67
C2 EDO L . 0.69 -19.64 -3.54
O2 EDO L . -0.25 -18.79 -3.04
C1 EDO M . 10.01 -4.19 -11.73
O1 EDO M . 9.58 -3.02 -11.06
C2 EDO M . 11.42 -4.42 -11.17
O2 EDO M . 11.80 -5.78 -11.34
C1 EDO N . -4.92 0.67 -23.62
O1 EDO N . -4.35 -0.43 -24.37
C2 EDO N . -4.21 1.91 -24.08
O2 EDO N . -2.80 1.91 -23.89
C1 EDO O . -1.55 3.26 0.92
O1 EDO O . -2.02 2.09 1.72
C2 EDO O . -2.10 4.60 1.44
O2 EDO O . -1.38 5.19 2.56
#